data_7XW0
#
_entry.id   7XW0
#
_cell.length_a   93.765
_cell.length_b   93.765
_cell.length_c   150.344
_cell.angle_alpha   90.000
_cell.angle_beta   90.000
_cell.angle_gamma   120.000
#
_symmetry.space_group_name_H-M   'P 32 2 1'
#
loop_
_entity.id
_entity.type
_entity.pdbx_description
1 polymer OmpT
2 water water
#
_entity_poly.entity_id   1
_entity_poly.type   'polypeptide(L)'
_entity_poly.pdbx_seq_one_letter_code
;MSDTGLSFTPEKISTEIDFGTLSGKAKERVYLPEEKGRKASQLDWKYSNAPIVKGAFNWDLLPRVSVGASGWTTLAGRGG
NMVDRDWLDTSNPGTWTDESKHPNTRLNFANEFDLNIKGWLLNQPDYQLGLMAGYQENRYSFTAKGGSYIYSSEGGFRDE
TGSFPDGERAIGYKQHFKMPYIGLTGNYRYDSFEFGGSFKYSGWVKASDNDEHYNPEGRITYRSDVNNQNYYSVSLHAGY
YITPAAKVYVEGTWNRITKKKGDTSLYSRNLNISDHTKNGAGIESYNFMTTAGLKYYF
;
_entity_poly.pdbx_strand_id   A,B
#
# COMPACT_ATOMS: atom_id res chain seq x y z
N PHE A 8 -11.50 -4.00 -28.16
CA PHE A 8 -11.66 -3.16 -26.95
C PHE A 8 -11.92 -4.05 -25.73
N THR A 9 -11.02 -4.03 -24.75
CA THR A 9 -11.17 -4.84 -23.53
C THR A 9 -11.14 -3.91 -22.32
N PRO A 10 -12.24 -3.22 -21.98
CA PRO A 10 -12.21 -2.24 -20.91
C PRO A 10 -12.11 -2.78 -19.47
N GLU A 11 -12.08 -4.10 -19.30
CA GLU A 11 -12.07 -4.65 -17.93
C GLU A 11 -10.79 -5.45 -17.70
N LYS A 12 -9.87 -5.41 -18.67
CA LYS A 12 -8.56 -6.10 -18.52
C LYS A 12 -7.60 -5.19 -17.73
N ILE A 13 -7.97 -4.86 -16.49
CA ILE A 13 -7.15 -3.94 -15.66
C ILE A 13 -6.28 -4.77 -14.71
N SER A 14 -5.29 -4.15 -14.05
CA SER A 14 -4.36 -4.88 -13.15
C SER A 14 -3.98 -4.01 -11.96
N THR A 15 -3.54 -4.61 -10.86
CA THR A 15 -3.10 -3.84 -9.68
C THR A 15 -2.05 -4.66 -8.93
N GLU A 16 -0.87 -4.08 -8.68
CA GLU A 16 0.21 -4.82 -7.99
C GLU A 16 0.92 -3.94 -6.98
N ILE A 17 0.72 -4.19 -5.69
CA ILE A 17 1.53 -3.44 -4.69
C ILE A 17 2.76 -4.30 -4.41
N ASP A 18 3.93 -3.68 -4.33
CA ASP A 18 5.19 -4.45 -4.19
C ASP A 18 5.97 -3.93 -3.00
N PHE A 19 6.95 -4.69 -2.54
CA PHE A 19 7.77 -4.26 -1.39
C PHE A 19 9.20 -4.64 -1.75
N GLY A 20 10.19 -3.84 -1.35
CA GLY A 20 11.55 -4.16 -1.80
C GLY A 20 12.64 -3.29 -1.20
N THR A 21 13.85 -3.37 -1.76
CA THR A 21 15.00 -2.63 -1.22
C THR A 21 15.69 -1.84 -2.33
N LEU A 22 15.99 -0.56 -2.07
CA LEU A 22 16.70 0.29 -3.05
C LEU A 22 18.10 0.57 -2.53
N SER A 23 19.11 0.11 -3.25
CA SER A 23 20.50 0.46 -2.87
C SER A 23 21.03 1.34 -4.00
N GLY A 24 21.85 2.34 -3.70
CA GLY A 24 22.27 3.24 -4.79
C GLY A 24 23.37 4.20 -4.42
N LYS A 25 23.73 5.09 -5.36
CA LYS A 25 24.85 6.04 -5.15
C LYS A 25 24.58 7.30 -5.97
N ALA A 26 24.91 8.46 -5.43
CA ALA A 26 24.69 9.74 -6.14
C ALA A 26 26.02 10.50 -6.20
N LYS A 27 26.36 11.01 -7.36
CA LYS A 27 27.66 11.68 -7.53
C LYS A 27 27.44 13.15 -7.88
N GLU A 28 27.77 14.06 -6.96
CA GLU A 28 27.65 15.50 -7.21
C GLU A 28 29.07 16.01 -7.48
N ARG A 29 29.32 16.61 -8.63
CA ARG A 29 30.71 17.01 -8.93
C ARG A 29 30.76 18.52 -9.12
N VAL A 30 31.81 19.17 -8.63
CA VAL A 30 31.98 20.64 -8.84
C VAL A 30 33.07 20.82 -9.89
N TYR A 31 32.88 21.74 -10.83
CA TYR A 31 33.83 21.85 -11.95
C TYR A 31 34.19 23.32 -12.20
N LEU A 32 35.21 23.56 -13.04
CA LEU A 32 35.56 24.95 -13.45
C LEU A 32 35.17 25.06 -14.92
N PRO A 33 34.10 25.80 -15.27
CA PRO A 33 33.63 25.85 -16.66
C PRO A 33 34.63 26.55 -17.59
N GLY A 37 35.94 22.31 -18.10
CA GLY A 37 35.30 21.23 -17.33
C GLY A 37 36.33 20.33 -16.66
N ARG A 38 36.57 20.55 -15.37
CA ARG A 38 37.55 19.71 -14.62
C ARG A 38 37.01 19.45 -13.21
N LYS A 39 36.90 18.18 -12.82
CA LYS A 39 36.34 17.83 -11.50
C LYS A 39 37.27 18.37 -10.42
N ALA A 40 36.82 19.36 -9.67
CA ALA A 40 37.64 19.88 -8.56
C ALA A 40 37.03 19.37 -7.26
N SER A 41 35.83 18.83 -7.34
CA SER A 41 35.19 18.24 -6.15
C SER A 41 34.22 17.14 -6.55
N GLN A 42 33.97 16.20 -5.65
CA GLN A 42 32.99 15.12 -5.92
C GLN A 42 32.37 14.70 -4.60
N LEU A 43 31.06 14.94 -4.45
CA LEU A 43 30.33 14.57 -3.22
C LEU A 43 29.69 13.22 -3.52
N ASP A 44 30.26 12.13 -3.03
CA ASP A 44 29.74 10.79 -3.38
C ASP A 44 28.80 10.32 -2.28
N TRP A 45 27.51 10.42 -2.53
CA TRP A 45 26.49 10.02 -1.52
C TRP A 45 26.19 8.54 -1.73
N LYS A 46 25.97 7.79 -0.65
CA LYS A 46 25.78 6.33 -0.80
C LYS A 46 24.66 5.85 0.10
N TYR A 47 23.85 4.90 -0.38
CA TYR A 47 22.72 4.35 0.40
C TYR A 47 22.57 2.87 0.06
N SER A 48 22.16 2.05 1.02
CA SER A 48 22.08 0.59 0.78
C SER A 48 20.87 -0.01 1.49
N ASN A 49 20.08 -0.79 0.80
CA ASN A 49 18.90 -1.49 1.37
C ASN A 49 17.95 -0.55 2.09
N ALA A 50 17.39 0.40 1.36
CA ALA A 50 16.40 1.32 1.94
C ALA A 50 14.99 0.79 1.71
N PRO A 51 14.08 0.62 2.71
CA PRO A 51 12.78 0.04 2.42
C PRO A 51 11.94 0.90 1.47
N ILE A 52 11.38 0.28 0.43
CA ILE A 52 10.55 1.03 -0.54
C ILE A 52 9.25 0.26 -0.75
N VAL A 53 8.21 0.93 -1.25
CA VAL A 53 6.94 0.24 -1.61
C VAL A 53 6.61 0.68 -3.04
N LYS A 54 6.08 -0.21 -3.88
CA LYS A 54 5.86 0.14 -5.30
C LYS A 54 4.44 -0.20 -5.72
N GLY A 55 3.67 0.79 -6.14
CA GLY A 55 2.31 0.51 -6.63
C GLY A 55 2.25 0.61 -8.14
N ALA A 56 1.25 -0.01 -8.75
CA ALA A 56 1.19 -0.03 -10.22
C ALA A 56 -0.20 -0.37 -10.75
N PHE A 57 -0.57 0.23 -11.88
CA PHE A 57 -1.85 -0.09 -12.56
C PHE A 57 -1.48 -0.39 -14.02
N ASN A 58 -2.22 -1.26 -14.68
CA ASN A 58 -1.99 -1.54 -16.11
C ASN A 58 -3.36 -1.75 -16.77
N TRP A 59 -3.47 -1.58 -18.09
CA TRP A 59 -4.76 -1.71 -18.80
C TRP A 59 -4.52 -2.17 -20.23
N ASP A 60 -5.02 -3.33 -20.59
CA ASP A 60 -4.80 -3.88 -21.96
C ASP A 60 -6.08 -3.69 -22.76
N LEU A 61 -6.50 -2.45 -22.96
CA LEU A 61 -7.77 -2.16 -23.68
C LEU A 61 -7.70 -2.55 -25.14
N LEU A 62 -6.50 -2.70 -25.69
CA LEU A 62 -6.37 -3.01 -27.12
C LEU A 62 -5.49 -4.25 -27.24
N PRO A 63 -5.72 -5.14 -28.21
CA PRO A 63 -4.89 -6.31 -28.39
C PRO A 63 -3.39 -6.02 -28.44
N ARG A 64 -2.96 -5.09 -29.29
CA ARG A 64 -1.51 -4.89 -29.47
C ARG A 64 -1.05 -3.57 -28.83
N VAL A 65 -1.84 -2.98 -27.95
CA VAL A 65 -1.45 -1.66 -27.35
C VAL A 65 -1.85 -1.67 -25.88
N SER A 66 -0.96 -1.18 -25.02
CA SER A 66 -1.24 -1.24 -23.57
C SER A 66 -0.79 0.03 -22.87
N VAL A 67 -1.57 0.50 -21.90
CA VAL A 67 -1.20 1.69 -21.11
C VAL A 67 -0.92 1.22 -19.69
N GLY A 68 -0.05 1.93 -18.97
CA GLY A 68 0.25 1.56 -17.57
C GLY A 68 0.75 2.73 -16.76
N ALA A 69 0.71 2.60 -15.43
CA ALA A 69 1.18 3.67 -14.53
C ALA A 69 1.80 3.07 -13.26
N SER A 70 3.09 3.29 -13.04
CA SER A 70 3.79 2.75 -11.85
C SER A 70 4.15 3.88 -10.90
N GLY A 71 4.76 3.55 -9.76
CA GLY A 71 5.16 4.56 -8.76
C GLY A 71 5.79 3.80 -7.62
N TRP A 72 6.93 4.30 -7.13
CA TRP A 72 7.52 3.78 -5.87
C TRP A 72 7.96 4.91 -4.95
N THR A 73 7.96 4.65 -3.66
CA THR A 73 8.39 5.66 -2.66
C THR A 73 9.16 4.97 -1.54
N THR A 74 10.12 5.66 -0.95
CA THR A 74 10.85 5.10 0.21
C THR A 74 9.86 5.07 1.37
N LEU A 75 10.01 4.12 2.28
CA LEU A 75 8.99 4.01 3.35
C LEU A 75 9.44 4.90 4.49
N ALA A 76 10.74 5.04 4.64
CA ALA A 76 11.28 5.95 5.67
C ALA A 76 12.73 6.20 5.33
N GLY A 77 13.41 6.99 6.16
CA GLY A 77 14.79 7.33 5.86
C GLY A 77 15.71 6.17 6.07
N ARG A 78 16.89 6.23 5.46
CA ARG A 78 17.91 5.17 5.68
C ARG A 78 19.26 5.84 5.74
N GLY A 79 20.03 5.52 6.78
CA GLY A 79 21.38 6.08 6.89
C GLY A 79 22.27 5.70 5.73
N GLY A 80 23.30 6.49 5.50
CA GLY A 80 24.24 6.18 4.41
C GLY A 80 25.59 6.80 4.71
N ASN A 81 26.33 7.18 3.67
CA ASN A 81 27.64 7.81 3.86
C ASN A 81 27.90 8.79 2.72
N MET A 82 28.57 9.91 3.00
CA MET A 82 28.96 10.84 1.91
C MET A 82 30.43 11.16 2.07
N VAL A 83 31.12 11.36 0.95
CA VAL A 83 32.55 11.74 1.01
C VAL A 83 32.81 12.83 -0.02
N ASP A 84 33.24 14.01 0.43
CA ASP A 84 33.61 15.09 -0.52
C ASP A 84 35.11 15.03 -0.69
N ARG A 85 35.56 14.84 -1.92
CA ARG A 85 37.02 14.88 -2.16
C ARG A 85 37.28 16.06 -3.07
N ASP A 86 38.46 16.65 -2.97
CA ASP A 86 38.80 17.85 -3.78
C ASP A 86 40.18 17.65 -4.40
N TRP A 87 40.24 17.66 -5.73
CA TRP A 87 41.52 17.40 -6.44
C TRP A 87 42.13 18.77 -6.70
N LEU A 88 42.57 19.43 -5.63
CA LEU A 88 43.17 20.76 -5.78
C LEU A 88 44.63 20.63 -6.21
N ASP A 89 45.34 19.55 -5.85
CA ASP A 89 46.77 19.53 -6.29
C ASP A 89 46.83 19.50 -7.82
N THR A 90 47.61 20.41 -8.41
CA THR A 90 47.70 20.49 -9.89
C THR A 90 48.87 19.65 -10.35
N SER A 91 49.95 19.64 -9.56
CA SER A 91 51.15 18.85 -9.91
C SER A 91 50.77 17.36 -9.93
N ASN A 92 49.86 16.95 -9.04
CA ASN A 92 49.40 15.54 -9.02
C ASN A 92 47.88 15.55 -9.25
N PRO A 93 47.40 15.59 -10.51
CA PRO A 93 45.97 15.73 -10.78
C PRO A 93 45.01 14.73 -10.15
N GLY A 94 45.21 13.44 -10.38
CA GLY A 94 44.25 12.44 -9.89
C GLY A 94 44.40 12.15 -8.42
N THR A 95 45.39 12.77 -7.76
CA THR A 95 45.47 12.57 -6.31
C THR A 95 44.56 13.58 -5.63
N TRP A 96 43.78 13.09 -4.67
CA TRP A 96 42.89 13.99 -3.92
C TRP A 96 43.72 14.84 -2.95
N THR A 97 43.38 16.12 -2.82
CA THR A 97 44.11 17.05 -1.94
C THR A 97 43.42 17.06 -0.58
N ASP A 98 42.10 17.24 -0.56
CA ASP A 98 41.36 17.33 0.72
C ASP A 98 40.20 16.35 0.70
N GLU A 99 39.86 15.77 1.85
CA GLU A 99 38.78 14.74 1.89
C GLU A 99 37.93 14.93 3.13
N SER A 100 36.61 14.90 2.98
CA SER A 100 35.70 15.11 4.12
C SER A 100 34.80 13.90 4.27
N LYS A 101 34.89 13.21 5.41
CA LYS A 101 34.08 12.00 5.62
C LYS A 101 32.82 12.39 6.38
N HIS A 102 31.67 11.88 5.96
CA HIS A 102 30.39 12.26 6.60
C HIS A 102 29.58 11.00 6.88
N PRO A 103 29.78 10.36 8.03
CA PRO A 103 29.07 9.13 8.36
C PRO A 103 27.59 9.34 8.69
N ASN A 104 27.22 10.54 9.18
CA ASN A 104 25.82 10.80 9.59
C ASN A 104 25.02 11.21 8.36
N THR A 105 25.35 10.65 7.21
CA THR A 105 24.56 10.91 6.00
C THR A 105 23.31 10.04 6.09
N ARG A 106 22.19 10.52 5.54
CA ARG A 106 20.93 9.76 5.63
C ARG A 106 20.06 10.09 4.43
N LEU A 107 19.71 9.09 3.63
CA LEU A 107 18.75 9.36 2.53
C LEU A 107 17.40 9.60 3.18
N ASN A 108 16.90 10.81 3.10
CA ASN A 108 15.63 11.14 3.78
C ASN A 108 14.50 10.49 2.99
N PHE A 109 14.50 10.70 1.68
CA PHE A 109 13.43 10.13 0.82
C PHE A 109 13.91 9.82 -0.59
N ALA A 110 13.11 9.05 -1.34
CA ALA A 110 13.39 8.73 -2.75
C ALA A 110 12.07 8.30 -3.37
N ASN A 111 11.76 8.75 -4.58
CA ASN A 111 10.44 8.44 -5.16
C ASN A 111 10.52 8.32 -6.68
N GLU A 112 9.44 7.89 -7.33
CA GLU A 112 9.40 7.75 -8.80
C GLU A 112 7.96 7.58 -9.27
N PHE A 113 7.61 8.12 -10.44
CA PHE A 113 6.29 7.87 -11.04
C PHE A 113 6.56 7.59 -12.52
N ASP A 114 5.79 6.71 -13.14
CA ASP A 114 6.11 6.33 -14.54
C ASP A 114 4.84 5.99 -15.31
N LEU A 115 4.41 6.88 -16.19
CA LEU A 115 3.28 6.53 -17.08
C LEU A 115 3.92 5.97 -18.35
N ASN A 116 3.38 4.91 -18.92
CA ASN A 116 4.06 4.28 -20.07
C ASN A 116 3.04 3.76 -21.08
N ILE A 117 3.46 3.58 -22.33
CA ILE A 117 2.57 2.96 -23.35
C ILE A 117 3.41 1.91 -24.07
N LYS A 118 2.88 0.70 -24.23
CA LYS A 118 3.66 -0.40 -24.83
C LYS A 118 2.99 -0.84 -26.13
N GLY A 119 3.78 -1.00 -27.17
CA GLY A 119 3.25 -1.46 -28.46
C GLY A 119 3.55 -2.91 -28.65
N TRP A 120 2.56 -3.79 -28.45
CA TRP A 120 2.82 -5.24 -28.49
C TRP A 120 3.07 -5.74 -29.91
N LEU A 121 4.33 -5.94 -30.25
CA LEU A 121 4.62 -6.56 -31.57
C LEU A 121 4.04 -7.96 -31.50
N LEU A 122 4.12 -8.62 -30.33
CA LEU A 122 3.55 -9.97 -30.12
C LEU A 122 2.69 -9.90 -28.85
N ASN A 123 1.46 -10.38 -28.89
CA ASN A 123 0.63 -10.44 -27.65
C ASN A 123 0.16 -11.89 -27.50
N GLN A 124 0.93 -12.84 -28.04
CA GLN A 124 0.57 -14.27 -27.91
C GLN A 124 0.51 -14.63 -26.43
N PRO A 125 -0.55 -15.31 -25.95
CA PRO A 125 -0.71 -15.58 -24.52
C PRO A 125 0.55 -16.10 -23.81
N ASP A 126 1.36 -16.91 -24.49
CA ASP A 126 2.54 -17.50 -23.80
C ASP A 126 3.73 -16.56 -23.89
N TYR A 127 3.82 -15.77 -24.96
CA TYR A 127 5.02 -14.90 -25.12
C TYR A 127 4.62 -13.52 -25.63
N GLN A 128 5.03 -12.47 -24.90
CA GLN A 128 4.69 -11.08 -25.27
C GLN A 128 5.97 -10.30 -25.52
N LEU A 129 5.96 -9.38 -26.49
CA LEU A 129 7.12 -8.49 -26.70
C LEU A 129 6.58 -7.13 -27.12
N GLY A 130 7.04 -6.06 -26.48
CA GLY A 130 6.46 -4.75 -26.81
C GLY A 130 7.46 -3.63 -26.87
N LEU A 131 7.32 -2.75 -27.86
CA LEU A 131 8.20 -1.55 -27.89
C LEU A 131 7.61 -0.62 -26.85
N MET A 132 8.45 -0.11 -25.94
CA MET A 132 7.91 0.69 -24.84
C MET A 132 8.19 2.16 -25.08
N ALA A 133 7.40 3.02 -24.46
CA ALA A 133 7.62 4.48 -24.53
C ALA A 133 6.91 5.12 -23.34
N GLY A 134 7.51 6.11 -22.69
CA GLY A 134 6.78 6.76 -21.60
C GLY A 134 7.56 7.88 -20.92
N TYR A 135 7.12 8.28 -19.74
CA TYR A 135 7.79 9.38 -18.99
C TYR A 135 7.95 8.98 -17.52
N GLN A 136 9.14 9.18 -16.97
CA GLN A 136 9.44 8.85 -15.56
C GLN A 136 9.99 10.11 -14.88
N GLU A 137 9.69 10.30 -13.60
CA GLU A 137 10.24 11.45 -12.85
C GLU A 137 10.73 10.95 -11.50
N ASN A 138 12.05 10.90 -11.30
CA ASN A 138 12.63 10.38 -10.05
C ASN A 138 13.15 11.53 -9.19
N ARG A 139 12.89 11.49 -7.90
CA ARG A 139 13.43 12.53 -6.98
C ARG A 139 14.17 11.84 -5.84
N TYR A 140 15.26 12.43 -5.38
CA TYR A 140 16.09 11.85 -4.29
C TYR A 140 16.46 12.97 -3.32
N SER A 141 16.54 12.70 -2.02
CA SER A 141 16.88 13.72 -1.00
C SER A 141 17.77 13.15 0.09
N PHE A 142 18.81 13.89 0.48
CA PHE A 142 19.78 13.41 1.48
C PHE A 142 20.07 14.51 2.48
N THR A 143 20.61 14.17 3.65
CA THR A 143 21.01 15.16 4.68
C THR A 143 22.22 14.63 5.40
N ALA A 144 23.30 15.41 5.50
CA ALA A 144 24.49 15.00 6.27
C ALA A 144 24.66 15.97 7.44
N LYS A 145 25.44 15.59 8.46
CA LYS A 145 25.56 16.45 9.66
C LYS A 145 26.89 16.20 10.36
N GLY A 146 27.90 17.04 10.10
CA GLY A 146 29.19 16.93 10.80
C GLY A 146 30.04 15.80 10.24
N GLY A 147 31.22 15.58 10.82
CA GLY A 147 32.02 14.42 10.37
C GLY A 147 33.50 14.62 10.48
N SER A 148 34.27 13.77 9.81
CA SER A 148 35.75 13.81 9.91
C SER A 148 36.34 14.61 8.77
N TYR A 149 37.59 15.03 8.93
CA TYR A 149 38.28 15.75 7.83
C TYR A 149 39.73 15.32 7.75
N ILE A 150 40.20 15.07 6.53
CA ILE A 150 41.63 14.73 6.30
C ILE A 150 42.09 15.79 5.31
N TYR A 151 42.29 17.01 5.78
CA TYR A 151 42.63 18.10 4.82
C TYR A 151 44.15 18.23 4.69
N SER A 152 44.58 19.03 3.72
CA SER A 152 46.02 19.20 3.50
C SER A 152 46.37 20.68 3.69
N SER A 153 47.37 20.95 4.51
CA SER A 153 47.80 22.34 4.76
C SER A 153 48.41 22.87 3.46
N GLU A 154 48.85 24.13 3.45
CA GLU A 154 49.42 24.79 2.24
C GLU A 154 50.66 24.02 1.79
N GLY A 155 51.73 24.06 2.56
CA GLY A 155 52.98 23.42 2.13
C GLY A 155 53.05 22.03 2.69
N GLY A 156 51.89 21.45 3.00
CA GLY A 156 51.88 20.07 3.52
C GLY A 156 50.92 19.20 2.73
N PHE A 157 50.69 17.98 3.22
CA PHE A 157 49.78 17.05 2.52
C PHE A 157 49.15 16.15 3.57
N ARG A 158 47.82 16.12 3.62
CA ARG A 158 47.10 15.23 4.55
C ARG A 158 47.58 15.46 5.98
N ASP A 159 47.80 16.73 6.34
CA ASP A 159 48.31 17.05 7.69
C ASP A 159 47.13 17.24 8.62
N GLU A 160 46.27 18.21 8.33
CA GLU A 160 45.12 18.52 9.21
C GLU A 160 44.23 17.28 9.31
N THR A 161 43.91 16.84 10.52
CA THR A 161 43.15 15.58 10.67
C THR A 161 42.24 15.65 11.89
N GLY A 162 41.09 16.30 11.78
CA GLY A 162 40.22 16.42 12.95
C GLY A 162 38.78 16.10 12.64
N SER A 163 37.86 16.67 13.41
CA SER A 163 36.42 16.45 13.15
C SER A 163 35.69 17.78 13.38
N PHE A 164 34.73 18.08 12.51
CA PHE A 164 33.98 19.35 12.63
C PHE A 164 33.10 19.31 13.87
N PRO A 165 33.19 20.30 14.77
CA PRO A 165 32.31 20.36 15.93
C PRO A 165 30.87 20.30 15.42
N ASP A 166 30.09 19.34 15.90
CA ASP A 166 28.73 19.16 15.34
C ASP A 166 27.86 20.37 15.69
N GLY A 167 26.89 20.68 14.82
CA GLY A 167 26.03 21.85 15.03
C GLY A 167 26.58 23.04 14.26
N GLU A 168 27.79 22.89 13.73
CA GLU A 168 28.44 23.98 12.98
C GLU A 168 28.62 23.53 11.54
N ARG A 169 27.87 22.49 11.14
CA ARG A 169 28.00 21.94 9.78
C ARG A 169 26.78 21.10 9.44
N ALA A 170 26.26 21.25 8.22
CA ALA A 170 25.09 20.47 7.76
C ALA A 170 25.08 20.54 6.23
N ILE A 171 24.69 19.47 5.57
CA ILE A 171 24.69 19.43 4.08
C ILE A 171 23.35 18.85 3.65
N GLY A 172 22.71 19.43 2.64
CA GLY A 172 21.44 18.91 2.11
C GLY A 172 21.51 18.80 0.61
N TYR A 173 21.27 17.61 0.08
CA TYR A 173 21.39 17.40 -1.39
C TYR A 173 20.08 16.84 -1.90
N LYS A 174 19.66 17.34 -3.06
CA LYS A 174 18.43 16.82 -3.69
C LYS A 174 18.76 16.58 -5.16
N GLN A 175 18.10 15.60 -5.78
CA GLN A 175 18.30 15.33 -7.22
C GLN A 175 16.92 15.15 -7.84
N HIS A 176 16.68 15.75 -9.01
CA HIS A 176 15.38 15.63 -9.69
C HIS A 176 15.64 15.35 -11.16
N PHE A 177 15.11 14.24 -11.64
CA PHE A 177 15.37 13.86 -13.05
C PHE A 177 14.02 13.69 -13.75
N LYS A 178 13.80 14.47 -14.80
CA LYS A 178 12.56 14.33 -15.60
C LYS A 178 12.98 13.67 -16.91
N MET A 179 12.61 12.42 -17.11
CA MET A 179 13.13 11.65 -18.27
C MET A 179 12.03 11.06 -19.15
N PRO A 180 11.84 11.54 -20.38
CA PRO A 180 10.93 10.88 -21.32
C PRO A 180 11.76 9.76 -21.95
N TYR A 181 11.26 8.52 -22.00
CA TYR A 181 12.11 7.41 -22.46
C TYR A 181 11.46 6.52 -23.52
N ILE A 182 12.25 5.63 -24.12
CA ILE A 182 11.72 4.63 -25.08
C ILE A 182 12.37 3.32 -24.66
N GLY A 183 11.80 2.17 -25.01
CA GLY A 183 12.48 0.90 -24.66
C GLY A 183 11.84 -0.36 -25.18
N LEU A 184 12.08 -1.49 -24.50
CA LEU A 184 11.55 -2.81 -24.95
C LEU A 184 11.14 -3.64 -23.74
N THR A 185 9.89 -4.06 -23.67
CA THR A 185 9.42 -4.94 -22.58
C THR A 185 9.30 -6.36 -23.12
N GLY A 186 9.88 -7.32 -22.41
CA GLY A 186 9.79 -8.73 -22.82
C GLY A 186 9.00 -9.55 -21.81
N ASN A 187 8.52 -10.71 -22.23
CA ASN A 187 7.72 -11.59 -21.34
C ASN A 187 7.65 -13.01 -21.93
N TYR A 188 7.93 -14.03 -21.13
CA TYR A 188 7.80 -15.43 -21.60
C TYR A 188 7.26 -16.31 -20.47
N ARG A 189 6.46 -17.33 -20.81
CA ARG A 189 5.81 -18.14 -19.76
C ARG A 189 6.11 -19.64 -19.94
N TYR A 190 6.87 -20.22 -19.01
CA TYR A 190 7.12 -21.68 -19.04
C TYR A 190 6.26 -22.26 -17.90
N ASP A 191 5.40 -23.22 -18.22
CA ASP A 191 4.48 -23.81 -17.19
C ASP A 191 3.74 -22.70 -16.46
N SER A 192 3.82 -22.70 -15.13
CA SER A 192 3.09 -21.70 -14.30
C SER A 192 4.03 -20.55 -13.95
N PHE A 193 5.26 -20.62 -14.44
CA PHE A 193 6.28 -19.59 -14.11
C PHE A 193 6.35 -18.55 -15.23
N GLU A 194 6.66 -17.30 -14.87
CA GLU A 194 6.72 -16.22 -15.89
C GLU A 194 8.06 -15.52 -15.79
N PHE A 195 8.94 -15.74 -16.76
CA PHE A 195 10.19 -14.95 -16.73
C PHE A 195 10.05 -13.82 -17.74
N GLY A 196 10.96 -12.85 -17.71
CA GLY A 196 10.90 -11.69 -18.61
C GLY A 196 11.83 -10.61 -18.15
N GLY A 197 11.78 -9.45 -18.80
CA GLY A 197 12.71 -8.36 -18.47
C GLY A 197 12.49 -7.16 -19.37
N SER A 198 13.11 -6.02 -19.06
CA SER A 198 12.85 -4.80 -19.85
C SER A 198 14.12 -3.98 -20.02
N PHE A 199 14.10 -3.03 -20.94
CA PHE A 199 15.23 -2.09 -21.09
C PHE A 199 14.62 -0.73 -21.41
N LYS A 200 15.11 0.34 -20.78
CA LYS A 200 14.59 1.70 -21.04
C LYS A 200 15.75 2.63 -21.36
N TYR A 201 15.55 3.58 -22.28
CA TYR A 201 16.63 4.54 -22.66
C TYR A 201 16.06 5.94 -22.88
N SER A 202 16.78 6.94 -22.38
CA SER A 202 16.40 8.34 -22.68
C SER A 202 17.70 9.10 -22.89
N GLY A 203 17.74 9.99 -23.87
CA GLY A 203 18.90 10.86 -24.08
C GLY A 203 18.36 12.25 -24.00
N TRP A 204 17.20 12.38 -23.36
CA TRP A 204 16.51 13.67 -23.26
C TRP A 204 16.16 13.91 -21.80
N VAL A 205 17.09 13.60 -20.90
CA VAL A 205 16.80 13.72 -19.44
C VAL A 205 17.10 15.14 -18.95
N LYS A 206 16.11 15.78 -18.34
CA LYS A 206 16.36 17.09 -17.71
C LYS A 206 16.73 16.80 -16.26
N ALA A 207 17.95 17.11 -15.87
CA ALA A 207 18.39 16.76 -14.51
C ALA A 207 18.57 18.02 -13.69
N SER A 208 18.39 17.93 -12.38
CA SER A 208 18.53 19.09 -11.46
C SER A 208 19.22 18.63 -10.19
N ASP A 209 20.09 19.46 -9.63
CA ASP A 209 20.76 19.13 -8.35
C ASP A 209 20.69 20.37 -7.46
N ASN A 210 20.78 20.22 -6.13
CA ASN A 210 20.80 21.37 -5.20
C ASN A 210 21.56 20.98 -3.94
N ASP A 211 22.77 21.51 -3.75
CA ASP A 211 23.57 21.23 -2.54
C ASP A 211 23.56 22.47 -1.67
N GLU A 212 22.87 22.39 -0.53
CA GLU A 212 22.84 23.53 0.41
C GLU A 212 23.77 23.16 1.56
N HIS A 213 24.99 23.68 1.55
CA HIS A 213 25.96 23.45 2.64
C HIS A 213 25.77 24.52 3.70
N TYR A 214 25.07 24.20 4.78
CA TYR A 214 24.84 25.17 5.88
C TYR A 214 26.05 25.17 6.81
N ASN A 215 26.92 26.18 6.69
CA ASN A 215 28.10 26.31 7.58
C ASN A 215 28.07 27.71 8.18
N PRO A 216 27.41 27.93 9.33
CA PRO A 216 27.25 29.27 9.91
C PRO A 216 28.36 30.27 9.59
N ARG A 219 25.01 29.93 4.46
CA ARG A 219 24.69 28.76 3.62
C ARG A 219 25.18 28.98 2.20
N ILE A 220 25.89 28.01 1.64
CA ILE A 220 26.31 28.08 0.21
C ILE A 220 25.44 27.11 -0.57
N THR A 221 24.74 27.60 -1.60
CA THR A 221 23.83 26.75 -2.40
C THR A 221 24.44 26.51 -3.77
N TYR A 222 24.81 25.27 -4.08
CA TYR A 222 25.36 24.92 -5.42
C TYR A 222 24.30 24.07 -6.12
N ARG A 223 23.87 24.50 -7.29
CA ARG A 223 22.78 23.80 -7.99
C ARG A 223 23.18 23.68 -9.44
N SER A 224 22.89 22.56 -10.08
CA SER A 224 23.13 22.42 -11.53
C SER A 224 21.84 22.00 -12.20
N ASP A 225 21.67 22.36 -13.46
CA ASP A 225 20.46 21.97 -14.22
C ASP A 225 20.93 21.60 -15.62
N VAL A 226 21.23 20.32 -15.83
CA VAL A 226 21.69 19.85 -17.17
C VAL A 226 20.45 19.43 -17.96
N ASN A 227 20.49 19.57 -19.28
CA ASN A 227 19.35 19.20 -20.13
C ASN A 227 19.80 18.14 -21.12
N ASN A 228 18.88 17.29 -21.56
CA ASN A 228 19.20 16.21 -22.53
C ASN A 228 20.33 15.34 -22.00
N GLN A 229 20.19 14.83 -20.78
CA GLN A 229 21.19 13.89 -20.20
C GLN A 229 20.74 12.49 -20.58
N ASN A 230 21.36 11.44 -20.03
CA ASN A 230 21.04 10.07 -20.47
C ASN A 230 20.43 9.22 -19.36
N TYR A 231 19.70 8.17 -19.71
CA TYR A 231 19.08 7.24 -18.72
C TYR A 231 19.10 5.82 -19.26
N TYR A 232 19.61 4.88 -18.48
CA TYR A 232 19.65 3.46 -18.90
C TYR A 232 19.07 2.61 -17.76
N SER A 233 18.03 1.83 -18.04
CA SER A 233 17.43 0.94 -17.01
C SER A 233 17.25 -0.45 -17.57
N VAL A 234 17.71 -1.47 -16.85
CA VAL A 234 17.47 -2.87 -17.28
C VAL A 234 16.68 -3.55 -16.16
N SER A 235 15.57 -4.19 -16.51
CA SER A 235 14.74 -4.88 -15.50
C SER A 235 14.71 -6.37 -15.81
N LEU A 236 14.53 -7.22 -14.79
CA LEU A 236 14.46 -8.69 -14.97
C LEU A 236 13.44 -9.24 -13.98
N HIS A 237 12.32 -9.79 -14.47
CA HIS A 237 11.24 -10.26 -13.57
C HIS A 237 11.05 -11.76 -13.65
N ALA A 238 10.67 -12.38 -12.53
CA ALA A 238 10.39 -13.83 -12.50
C ALA A 238 9.19 -14.02 -11.58
N GLY A 239 8.12 -14.63 -12.08
CA GLY A 239 6.91 -14.75 -11.27
C GLY A 239 6.32 -16.14 -11.30
N TYR A 240 5.31 -16.39 -10.47
CA TYR A 240 4.62 -17.69 -10.47
C TYR A 240 3.13 -17.44 -10.21
N TYR A 241 2.27 -18.14 -10.94
CA TYR A 241 0.81 -17.92 -10.79
C TYR A 241 0.31 -18.79 -9.64
N ILE A 242 0.10 -18.19 -8.47
CA ILE A 242 -0.46 -18.94 -7.32
C ILE A 242 -1.87 -19.36 -7.72
N THR A 243 -2.68 -18.39 -8.15
CA THR A 243 -4.04 -18.69 -8.65
C THR A 243 -3.98 -18.37 -10.13
N PRO A 244 -4.95 -18.75 -10.98
CA PRO A 244 -4.92 -18.30 -12.37
C PRO A 244 -5.25 -16.80 -12.38
N ALA A 245 -5.76 -16.27 -11.27
CA ALA A 245 -6.18 -14.86 -11.21
C ALA A 245 -5.23 -14.06 -10.32
N ALA A 246 -4.06 -14.61 -9.99
CA ALA A 246 -3.08 -13.85 -9.19
C ALA A 246 -1.67 -14.38 -9.44
N LYS A 247 -0.69 -13.47 -9.50
CA LYS A 247 0.71 -13.88 -9.76
C LYS A 247 1.61 -13.20 -8.75
N VAL A 248 2.44 -13.97 -8.05
CA VAL A 248 3.42 -13.35 -7.14
C VAL A 248 4.72 -13.25 -7.93
N TYR A 249 5.36 -12.09 -7.91
CA TYR A 249 6.56 -11.94 -8.76
C TYR A 249 7.72 -11.28 -8.01
N VAL A 250 8.93 -11.50 -8.50
CA VAL A 250 10.11 -10.84 -7.90
C VAL A 250 10.79 -10.10 -9.06
N GLU A 251 11.40 -8.94 -8.79
CA GLU A 251 11.97 -8.14 -9.91
C GLU A 251 13.23 -7.42 -9.46
N GLY A 252 14.25 -7.40 -10.32
CA GLY A 252 15.43 -6.60 -10.03
C GLY A 252 15.53 -5.53 -11.08
N THR A 253 15.70 -4.27 -10.69
CA THR A 253 15.91 -3.20 -11.70
C THR A 253 17.26 -2.54 -11.46
N TRP A 254 18.01 -2.28 -12.52
CA TRP A 254 19.31 -1.60 -12.42
C TRP A 254 19.23 -0.32 -13.24
N ASN A 255 19.45 0.85 -12.62
CA ASN A 255 19.28 2.13 -13.34
C ASN A 255 20.57 2.95 -13.31
N ARG A 256 20.73 3.87 -14.27
CA ARG A 256 21.92 4.75 -14.34
C ARG A 256 21.56 6.04 -15.07
N ILE A 257 21.76 7.19 -14.44
CA ILE A 257 21.54 8.50 -15.12
C ILE A 257 22.92 9.13 -15.20
N THR A 258 23.32 9.61 -16.39
CA THR A 258 24.71 10.09 -16.53
C THR A 258 24.86 11.12 -17.65
N LYS A 259 26.06 11.70 -17.80
CA LYS A 259 26.38 12.69 -18.87
C LYS A 259 25.23 13.65 -19.12
N ALA A 281 30.32 14.87 -17.06
CA ALA A 281 29.38 13.91 -16.44
C ALA A 281 28.18 14.66 -15.90
N GLY A 282 28.30 15.21 -14.70
CA GLY A 282 27.21 16.05 -14.19
C GLY A 282 26.42 15.34 -13.12
N ILE A 283 25.12 15.61 -13.08
CA ILE A 283 24.25 15.02 -12.03
C ILE A 283 24.12 13.53 -12.33
N GLU A 284 24.80 12.68 -11.57
CA GLU A 284 24.82 11.23 -11.86
C GLU A 284 24.07 10.46 -10.77
N SER A 285 23.43 9.36 -11.13
CA SER A 285 22.75 8.51 -10.13
C SER A 285 22.79 7.07 -10.58
N TYR A 286 23.12 6.15 -9.68
CA TYR A 286 23.06 4.71 -10.01
C TYR A 286 22.15 4.05 -8.97
N ASN A 287 21.20 3.21 -9.38
CA ASN A 287 20.24 2.63 -8.42
C ASN A 287 20.04 1.14 -8.68
N PHE A 288 19.75 0.37 -7.63
CA PHE A 288 19.43 -1.07 -7.76
C PHE A 288 18.23 -1.35 -6.86
N MET A 289 17.09 -1.67 -7.48
CA MET A 289 15.86 -1.89 -6.70
C MET A 289 15.47 -3.35 -6.79
N THR A 290 15.59 -4.08 -5.69
CA THR A 290 15.14 -5.49 -5.67
C THR A 290 13.77 -5.51 -5.02
N THR A 291 12.73 -5.82 -5.77
CA THR A 291 11.37 -5.75 -5.18
C THR A 291 10.62 -7.05 -5.39
N ALA A 292 9.54 -7.25 -4.65
CA ALA A 292 8.70 -8.45 -4.81
C ALA A 292 7.26 -8.11 -4.40
N GLY A 293 6.26 -8.57 -5.16
CA GLY A 293 4.89 -8.16 -4.83
C GLY A 293 3.83 -9.06 -5.41
N LEU A 294 2.56 -8.72 -5.20
CA LEU A 294 1.43 -9.56 -5.67
C LEU A 294 0.66 -8.80 -6.74
N LYS A 295 0.46 -9.41 -7.90
CA LYS A 295 -0.35 -8.78 -8.97
C LYS A 295 -1.72 -9.43 -9.03
N TYR A 296 -2.73 -8.76 -8.47
CA TYR A 296 -4.12 -9.26 -8.55
C TYR A 296 -4.68 -8.85 -9.90
N TYR A 297 -4.52 -9.68 -10.92
CA TYR A 297 -5.15 -9.36 -12.22
C TYR A 297 -6.64 -9.23 -11.97
N PHE A 298 -7.18 -8.02 -12.10
CA PHE A 298 -8.62 -7.78 -11.84
C PHE A 298 -9.42 -8.03 -13.11
N SER B 7 15.69 -18.29 -2.27
CA SER B 7 15.27 -19.35 -1.33
C SER B 7 13.78 -19.61 -1.50
N PHE B 8 13.39 -20.00 -2.71
CA PHE B 8 11.97 -20.35 -2.97
C PHE B 8 11.59 -21.43 -1.97
N THR B 9 10.63 -21.14 -1.08
CA THR B 9 10.16 -22.14 -0.11
C THR B 9 8.69 -22.42 -0.39
N PRO B 10 8.31 -23.06 -1.52
CA PRO B 10 6.91 -23.25 -1.88
C PRO B 10 6.38 -24.46 -1.10
N GLU B 11 7.09 -24.82 -0.02
CA GLU B 11 6.66 -25.94 0.84
C GLU B 11 6.06 -25.32 2.10
N LYS B 12 6.21 -24.01 2.25
CA LYS B 12 5.74 -23.36 3.50
C LYS B 12 4.29 -22.90 3.32
N ILE B 13 3.38 -23.83 3.01
CA ILE B 13 1.94 -23.48 2.87
C ILE B 13 1.26 -23.79 4.19
N SER B 14 0.15 -23.09 4.49
CA SER B 14 -0.54 -23.26 5.79
C SER B 14 -2.04 -23.11 5.60
N THR B 15 -2.83 -23.81 6.42
CA THR B 15 -4.30 -23.71 6.33
C THR B 15 -4.88 -23.53 7.73
N GLU B 16 -5.62 -22.44 7.94
CA GLU B 16 -6.27 -22.19 9.24
C GLU B 16 -7.76 -22.10 9.03
N ILE B 17 -8.53 -23.00 9.61
CA ILE B 17 -10.00 -22.85 9.54
C ILE B 17 -10.43 -22.46 10.95
N ASP B 18 -11.26 -21.44 11.07
CA ASP B 18 -11.61 -20.92 12.42
C ASP B 18 -13.13 -20.85 12.55
N PHE B 19 -13.63 -20.70 13.77
CA PHE B 19 -15.08 -20.58 14.00
C PHE B 19 -15.23 -19.46 15.02
N GLY B 20 -16.28 -18.65 14.92
CA GLY B 20 -16.36 -17.51 15.86
C GLY B 20 -17.67 -16.76 15.83
N THR B 21 -17.69 -15.56 16.39
CA THR B 21 -18.93 -14.76 16.46
C THR B 21 -18.68 -13.39 15.85
N LEU B 22 -19.70 -12.83 15.19
CA LEU B 22 -19.58 -11.46 14.64
C LEU B 22 -20.73 -10.62 15.14
N SER B 23 -20.41 -9.55 15.85
CA SER B 23 -21.47 -8.60 16.29
C SER B 23 -21.18 -7.30 15.56
N GLY B 24 -22.18 -6.49 15.27
CA GLY B 24 -21.91 -5.27 14.50
C GLY B 24 -23.10 -4.36 14.38
N LYS B 25 -22.94 -3.27 13.64
CA LYS B 25 -24.03 -2.28 13.45
C LYS B 25 -23.83 -1.61 12.09
N ALA B 26 -24.91 -1.41 11.35
CA ALA B 26 -24.84 -0.72 10.05
C ALA B 26 -25.69 0.55 10.10
N LYS B 27 -25.24 1.60 9.44
CA LYS B 27 -25.96 2.89 9.52
C LYS B 27 -26.31 3.37 8.11
N GLU B 28 -27.57 3.73 7.89
CA GLU B 28 -28.05 4.17 6.56
C GLU B 28 -28.57 5.59 6.73
N ARG B 29 -27.80 6.58 6.28
CA ARG B 29 -28.21 7.98 6.52
C ARG B 29 -28.82 8.58 5.25
N VAL B 30 -29.94 9.28 5.41
CA VAL B 30 -30.60 9.95 4.26
C VAL B 30 -30.43 11.43 4.53
N TYR B 31 -29.94 12.17 3.55
CA TYR B 31 -29.65 13.60 3.78
C TYR B 31 -30.53 14.44 2.85
N LEU B 32 -30.60 15.75 3.11
CA LEU B 32 -31.32 16.71 2.22
C LEU B 32 -30.22 17.57 1.60
N PRO B 33 -29.41 17.11 0.60
CA PRO B 33 -28.22 17.85 0.20
C PRO B 33 -28.22 18.71 -1.06
N GLY B 37 -26.10 18.04 2.82
CA GLY B 37 -27.09 18.86 3.53
C GLY B 37 -27.19 18.50 5.00
N ARG B 38 -28.23 17.76 5.38
CA ARG B 38 -28.43 17.45 6.81
C ARG B 38 -29.09 16.08 6.95
N LYS B 39 -28.58 15.25 7.86
CA LYS B 39 -29.16 13.91 8.09
C LYS B 39 -30.63 14.11 8.40
N ALA B 40 -31.48 13.73 7.47
CA ALA B 40 -32.93 13.88 7.67
C ALA B 40 -33.50 12.54 8.10
N SER B 41 -32.76 11.47 7.88
CA SER B 41 -33.21 10.13 8.32
C SER B 41 -32.01 9.21 8.51
N GLN B 42 -32.15 8.20 9.37
CA GLN B 42 -31.05 7.23 9.59
C GLN B 42 -31.66 5.90 9.99
N LEU B 43 -31.31 4.84 9.27
CA LEU B 43 -31.82 3.49 9.58
C LEU B 43 -30.67 2.74 10.25
N ASP B 44 -30.84 2.33 11.50
CA ASP B 44 -29.73 1.70 12.24
C ASP B 44 -29.97 0.20 12.35
N TRP B 45 -29.15 -0.56 11.66
CA TRP B 45 -29.32 -2.03 11.63
C TRP B 45 -28.33 -2.64 12.61
N LYS B 46 -28.75 -3.66 13.37
CA LYS B 46 -27.86 -4.21 14.41
C LYS B 46 -27.96 -5.72 14.47
N TYR B 47 -26.87 -6.37 14.88
CA TYR B 47 -26.83 -7.85 14.99
C TYR B 47 -25.80 -8.20 16.06
N SER B 48 -25.93 -9.38 16.68
CA SER B 48 -25.01 -9.75 17.79
C SER B 48 -24.67 -11.23 17.76
N ASN B 49 -23.41 -11.58 18.05
CA ASN B 49 -22.98 -12.99 18.14
C ASN B 49 -23.57 -13.82 17.01
N ALA B 50 -23.17 -13.51 15.78
CA ALA B 50 -23.64 -14.30 14.61
C ALA B 50 -22.62 -15.37 14.30
N PRO B 51 -23.04 -16.60 13.98
CA PRO B 51 -22.08 -17.66 13.74
C PRO B 51 -21.28 -17.45 12.45
N ILE B 52 -19.95 -17.36 12.55
CA ILE B 52 -19.09 -17.17 11.36
C ILE B 52 -18.04 -18.29 11.25
N VAL B 53 -17.61 -18.60 10.04
CA VAL B 53 -16.50 -19.57 9.86
C VAL B 53 -15.42 -18.80 9.10
N LYS B 54 -14.16 -18.93 9.49
CA LYS B 54 -13.11 -18.10 8.86
C LYS B 54 -12.03 -18.99 8.28
N GLY B 55 -11.99 -19.11 6.97
CA GLY B 55 -10.92 -19.88 6.31
C GLY B 55 -9.82 -18.96 5.85
N ALA B 56 -8.59 -19.32 6.15
CA ALA B 56 -7.45 -18.50 5.70
C ALA B 56 -6.37 -19.39 5.09
N PHE B 57 -5.65 -18.86 4.11
CA PHE B 57 -4.54 -19.61 3.48
C PHE B 57 -3.33 -18.69 3.50
N ASN B 58 -2.14 -19.27 3.61
CA ASN B 58 -0.91 -18.47 3.60
C ASN B 58 0.14 -19.25 2.80
N TRP B 59 1.13 -18.56 2.26
CA TRP B 59 2.21 -19.22 1.50
C TRP B 59 3.48 -18.41 1.68
N ASP B 60 4.31 -18.77 2.65
CA ASP B 60 5.61 -18.08 2.83
C ASP B 60 6.58 -18.62 1.80
N LEU B 61 6.33 -18.34 0.53
CA LEU B 61 7.16 -18.92 -0.55
C LEU B 61 8.53 -18.25 -0.61
N LEU B 62 8.77 -17.16 0.12
CA LEU B 62 10.07 -16.46 -0.03
C LEU B 62 10.50 -15.94 1.33
N PRO B 63 11.81 -15.82 1.59
CA PRO B 63 12.32 -15.36 2.88
C PRO B 63 11.65 -14.15 3.52
N ARG B 64 11.55 -13.02 2.81
CA ARG B 64 11.02 -11.81 3.48
C ARG B 64 9.72 -11.33 2.83
N VAL B 65 9.09 -12.17 2.01
CA VAL B 65 7.78 -11.81 1.41
C VAL B 65 6.86 -13.03 1.48
N SER B 66 5.67 -12.85 2.07
CA SER B 66 4.69 -13.96 2.12
C SER B 66 3.35 -13.43 1.62
N VAL B 67 2.61 -14.29 0.92
CA VAL B 67 1.28 -13.89 0.40
C VAL B 67 0.22 -14.66 1.19
N GLY B 68 -1.02 -14.17 1.23
CA GLY B 68 -2.07 -14.82 2.03
C GLY B 68 -3.46 -14.49 1.56
N ALA B 69 -4.41 -15.38 1.84
CA ALA B 69 -5.79 -15.18 1.38
C ALA B 69 -6.76 -15.57 2.50
N SER B 70 -7.35 -14.57 3.17
CA SER B 70 -8.32 -14.84 4.25
C SER B 70 -9.74 -14.76 3.70
N GLY B 71 -10.70 -15.26 4.46
CA GLY B 71 -12.11 -15.23 4.04
C GLY B 71 -13.04 -15.62 5.16
N TRP B 72 -14.17 -14.95 5.29
CA TRP B 72 -15.16 -15.38 6.32
C TRP B 72 -16.59 -15.29 5.81
N THR B 73 -17.47 -16.14 6.31
CA THR B 73 -18.89 -16.07 5.94
C THR B 73 -19.74 -16.42 7.15
N THR B 74 -20.96 -15.92 7.20
CA THR B 74 -21.88 -16.29 8.30
C THR B 74 -22.43 -17.69 8.00
N LEU B 75 -22.25 -18.64 8.92
CA LEU B 75 -22.69 -20.04 8.70
C LEU B 75 -24.20 -20.04 8.48
N ALA B 76 -24.90 -19.26 9.27
CA ALA B 76 -26.34 -19.12 9.03
C ALA B 76 -26.72 -17.69 9.38
N GLY B 77 -28.02 -17.39 9.37
CA GLY B 77 -28.45 -16.01 9.60
C GLY B 77 -28.58 -15.70 11.08
N ARG B 78 -28.90 -14.45 11.39
CA ARG B 78 -28.95 -14.03 12.80
C ARG B 78 -29.97 -12.91 12.94
N GLY B 79 -30.94 -13.07 13.82
CA GLY B 79 -31.89 -11.99 14.07
C GLY B 79 -31.23 -10.77 14.64
N GLY B 80 -31.86 -9.61 14.48
CA GLY B 80 -31.31 -8.38 15.05
C GLY B 80 -32.41 -7.37 15.28
N ASN B 81 -32.16 -6.11 14.96
CA ASN B 81 -33.15 -5.04 15.19
C ASN B 81 -32.84 -3.87 14.25
N MET B 82 -33.89 -3.22 13.75
CA MET B 82 -33.66 -1.99 12.94
C MET B 82 -34.54 -0.89 13.50
N VAL B 83 -34.04 0.33 13.46
CA VAL B 83 -34.88 1.48 13.89
C VAL B 83 -34.70 2.58 12.85
N ASP B 84 -35.81 3.07 12.30
CA ASP B 84 -35.73 4.20 11.35
C ASP B 84 -36.10 5.43 12.16
N ARG B 85 -35.26 6.45 12.11
CA ARG B 85 -35.58 7.72 12.80
C ARG B 85 -35.49 8.82 11.75
N ASP B 86 -36.48 9.72 11.74
CA ASP B 86 -36.49 10.82 10.76
C ASP B 86 -36.56 12.14 11.54
N TRP B 87 -35.81 13.14 11.12
CA TRP B 87 -35.76 14.42 11.85
C TRP B 87 -36.43 15.48 10.99
N LEU B 88 -37.76 15.37 10.88
CA LEU B 88 -38.50 16.30 10.01
C LEU B 88 -38.70 17.62 10.75
N ASP B 89 -39.19 17.61 11.99
CA ASP B 89 -39.28 18.89 12.74
C ASP B 89 -37.91 19.55 12.74
N THR B 90 -37.78 20.68 12.06
CA THR B 90 -36.49 21.40 12.02
C THR B 90 -36.54 22.47 13.10
N SER B 91 -37.71 22.72 13.67
CA SER B 91 -37.76 23.66 14.81
C SER B 91 -36.83 23.10 15.88
N ASN B 92 -36.88 21.78 16.11
CA ASN B 92 -35.95 21.13 17.06
C ASN B 92 -35.09 20.14 16.25
N PRO B 93 -33.92 20.54 15.71
CA PRO B 93 -33.12 19.68 14.83
C PRO B 93 -32.29 18.59 15.51
N GLY B 94 -32.91 17.82 16.41
CA GLY B 94 -32.21 16.73 17.11
C GLY B 94 -33.25 15.89 17.80
N THR B 95 -34.44 16.46 17.92
CA THR B 95 -35.55 15.70 18.52
C THR B 95 -36.15 14.87 17.40
N TRP B 96 -36.08 13.54 17.51
CA TRP B 96 -36.58 12.73 16.38
C TRP B 96 -38.06 13.04 16.12
N THR B 97 -38.47 13.13 14.86
CA THR B 97 -39.87 13.46 14.52
C THR B 97 -40.66 12.17 14.43
N ASP B 98 -40.21 11.23 13.61
CA ASP B 98 -40.97 9.98 13.41
C ASP B 98 -40.04 8.80 13.71
N GLU B 99 -40.59 7.69 14.21
CA GLU B 99 -39.74 6.52 14.58
C GLU B 99 -40.38 5.20 14.23
N SER B 100 -39.73 4.44 13.35
CA SER B 100 -40.23 3.09 13.02
C SER B 100 -39.28 2.10 13.68
N LYS B 101 -39.83 1.08 14.34
CA LYS B 101 -38.97 0.11 15.06
C LYS B 101 -39.30 -1.28 14.56
N HIS B 102 -38.31 -1.95 13.97
CA HIS B 102 -38.56 -3.27 13.37
C HIS B 102 -37.78 -4.30 14.17
N PRO B 103 -38.45 -5.13 14.98
CA PRO B 103 -37.76 -6.10 15.81
C PRO B 103 -37.46 -7.41 15.08
N ASN B 104 -38.24 -7.71 14.04
CA ASN B 104 -38.00 -8.93 13.23
C ASN B 104 -37.04 -8.60 12.12
N THR B 105 -35.78 -8.41 12.46
CA THR B 105 -34.77 -8.22 11.39
C THR B 105 -33.84 -9.42 11.46
N ARG B 106 -33.19 -9.72 10.34
CA ARG B 106 -32.33 -10.92 10.29
C ARG B 106 -31.15 -10.62 9.39
N LEU B 107 -29.94 -10.59 9.94
CA LEU B 107 -28.77 -10.46 9.05
C LEU B 107 -28.73 -11.77 8.29
N ASN B 108 -29.18 -11.75 7.05
CA ASN B 108 -29.25 -12.99 6.25
C ASN B 108 -27.84 -13.51 6.08
N PHE B 109 -26.96 -12.64 5.61
CA PHE B 109 -25.56 -13.08 5.39
C PHE B 109 -24.59 -11.92 5.57
N ALA B 110 -23.32 -12.26 5.71
CA ALA B 110 -22.24 -11.25 5.79
C ALA B 110 -20.98 -12.01 5.40
N ASN B 111 -20.13 -11.43 4.55
CA ASN B 111 -18.96 -12.19 4.07
C ASN B 111 -17.75 -11.29 3.93
N GLU B 112 -16.57 -11.86 3.77
CA GLU B 112 -15.38 -11.04 3.49
C GLU B 112 -14.32 -11.90 2.81
N PHE B 113 -13.61 -11.33 1.81
CA PHE B 113 -12.46 -12.02 1.18
C PHE B 113 -11.30 -11.04 1.22
N ASP B 114 -10.10 -11.52 1.52
CA ASP B 114 -8.92 -10.63 1.66
C ASP B 114 -7.74 -11.23 0.92
N LEU B 115 -7.06 -10.45 0.10
CA LEU B 115 -5.83 -10.91 -0.59
C LEU B 115 -4.74 -9.98 -0.09
N ASN B 116 -3.69 -10.51 0.52
CA ASN B 116 -2.72 -9.58 1.14
C ASN B 116 -1.29 -9.95 0.76
N ILE B 117 -0.36 -9.00 0.89
CA ILE B 117 1.08 -9.28 0.68
C ILE B 117 1.79 -8.62 1.84
N LYS B 118 2.48 -9.41 2.66
CA LYS B 118 3.13 -8.86 3.86
C LYS B 118 4.64 -8.80 3.63
N GLY B 119 5.25 -7.66 3.93
CA GLY B 119 6.69 -7.51 3.76
C GLY B 119 7.39 -7.75 5.07
N TRP B 120 8.07 -8.88 5.21
CA TRP B 120 8.69 -9.23 6.50
C TRP B 120 9.92 -8.37 6.75
N LEU B 121 9.74 -7.28 7.49
CA LEU B 121 10.90 -6.44 7.86
C LEU B 121 11.77 -7.31 8.75
N LEU B 122 11.17 -7.89 9.78
CA LEU B 122 11.92 -8.82 10.67
C LEU B 122 11.28 -10.19 10.55
N ASN B 123 12.06 -11.20 10.18
CA ASN B 123 11.52 -12.58 10.11
C ASN B 123 12.28 -13.44 11.12
N GLN B 124 12.51 -12.92 12.32
CA GLN B 124 13.21 -13.70 13.37
C GLN B 124 12.29 -14.83 13.82
N PRO B 125 12.82 -15.99 14.26
CA PRO B 125 11.98 -17.05 14.80
C PRO B 125 11.19 -16.60 16.05
N ASP B 126 11.64 -15.55 16.72
CA ASP B 126 10.96 -15.05 17.95
C ASP B 126 10.10 -13.85 17.58
N TYR B 127 10.71 -12.74 17.15
CA TYR B 127 9.93 -11.52 16.87
C TYR B 127 9.66 -11.43 15.37
N GLN B 128 8.59 -10.75 14.96
CA GLN B 128 8.22 -10.72 13.52
C GLN B 128 7.36 -9.49 13.22
N LEU B 129 7.95 -8.44 12.66
CA LEU B 129 7.15 -7.27 12.23
C LEU B 129 7.07 -7.29 10.71
N GLY B 130 5.90 -6.96 10.17
CA GLY B 130 5.72 -6.95 8.70
C GLY B 130 4.86 -5.80 8.24
N LEU B 131 5.20 -5.19 7.11
CA LEU B 131 4.32 -4.14 6.57
C LEU B 131 3.32 -4.84 5.66
N MET B 132 2.04 -4.56 5.83
CA MET B 132 1.02 -5.31 5.07
C MET B 132 0.42 -4.43 4.00
N ALA B 133 -0.05 -5.05 2.92
CA ALA B 133 -0.73 -4.31 1.84
C ALA B 133 -1.66 -5.27 1.14
N GLY B 134 -2.90 -4.87 0.88
CA GLY B 134 -3.75 -5.81 0.12
C GLY B 134 -5.10 -5.26 -0.28
N TYR B 135 -6.00 -6.14 -0.68
CA TYR B 135 -7.36 -5.74 -1.09
C TYR B 135 -8.38 -6.61 -0.37
N GLN B 136 -9.33 -5.98 0.32
CA GLN B 136 -10.39 -6.71 1.04
C GLN B 136 -11.72 -6.30 0.43
N GLU B 137 -12.71 -7.19 0.47
CA GLU B 137 -14.06 -6.87 -0.06
C GLU B 137 -15.09 -7.48 0.88
N ASN B 138 -15.91 -6.65 1.51
CA ASN B 138 -16.89 -7.15 2.50
C ASN B 138 -18.31 -6.95 1.97
N ARG B 139 -19.22 -7.87 2.28
CA ARG B 139 -20.63 -7.71 1.87
C ARG B 139 -21.53 -8.02 3.07
N TYR B 140 -22.71 -7.39 3.14
CA TYR B 140 -23.64 -7.55 4.27
C TYR B 140 -25.08 -7.44 3.76
N SER B 141 -25.99 -8.30 4.23
CA SER B 141 -27.41 -8.28 3.78
C SER B 141 -28.36 -8.40 4.96
N PHE B 142 -29.42 -7.61 4.94
CA PHE B 142 -30.41 -7.62 6.05
C PHE B 142 -31.81 -7.64 5.45
N THR B 143 -32.75 -8.34 6.08
CA THR B 143 -34.16 -8.33 5.64
C THR B 143 -35.04 -8.05 6.85
N ALA B 144 -35.71 -6.91 6.84
CA ALA B 144 -36.61 -6.54 7.95
C ALA B 144 -38.05 -6.82 7.57
N LYS B 145 -38.94 -6.83 8.55
CA LYS B 145 -40.36 -7.17 8.27
C LYS B 145 -41.27 -6.60 9.36
N GLY B 146 -42.48 -6.19 8.99
CA GLY B 146 -43.44 -5.67 9.96
C GLY B 146 -42.88 -4.52 10.78
N GLY B 147 -43.31 -4.40 12.03
CA GLY B 147 -42.71 -3.37 12.89
C GLY B 147 -43.72 -2.55 13.65
N SER B 148 -43.25 -1.64 14.49
CA SER B 148 -44.13 -0.74 15.25
C SER B 148 -43.93 0.66 14.69
N TYR B 149 -44.78 1.60 15.07
CA TYR B 149 -44.52 2.99 14.61
C TYR B 149 -44.96 4.01 15.66
N ILE B 150 -44.14 5.03 15.84
CA ILE B 150 -44.50 6.15 16.74
C ILE B 150 -44.44 7.36 15.82
N TYR B 151 -45.54 7.67 15.14
CA TYR B 151 -45.50 8.76 14.14
C TYR B 151 -46.11 10.02 14.72
N SER B 152 -46.32 11.04 13.89
CA SER B 152 -46.81 12.33 14.43
C SER B 152 -48.16 12.70 13.82
N SER B 153 -48.69 13.85 14.21
CA SER B 153 -49.96 14.34 13.60
C SER B 153 -49.56 15.47 12.64
N GLU B 154 -50.49 16.38 12.35
CA GLU B 154 -50.17 17.53 11.48
C GLU B 154 -50.01 18.81 12.31
N ARG B 158 -45.81 13.62 18.56
CA ARG B 158 -45.76 12.15 18.29
C ARG B 158 -47.11 11.56 18.65
N ASP B 159 -48.19 12.09 18.07
CA ASP B 159 -49.56 11.65 18.43
C ASP B 159 -49.86 10.29 17.83
N GLU B 160 -49.54 10.10 16.55
CA GLU B 160 -49.87 8.83 15.86
C GLU B 160 -49.10 7.68 16.53
N THR B 161 -49.80 6.59 16.83
CA THR B 161 -49.14 5.42 17.47
C THR B 161 -49.82 4.14 16.97
N GLY B 162 -49.03 3.14 16.58
CA GLY B 162 -49.62 1.85 16.17
C GLY B 162 -48.56 0.86 15.73
N SER B 163 -48.99 -0.27 15.17
CA SER B 163 -48.04 -1.29 14.67
C SER B 163 -48.41 -1.66 13.24
N PHE B 164 -47.40 -1.88 12.40
CA PHE B 164 -47.63 -2.23 10.98
C PHE B 164 -48.18 -3.65 10.91
N PRO B 165 -49.10 -3.95 9.97
CA PRO B 165 -49.64 -5.29 9.81
C PRO B 165 -48.63 -6.22 9.14
N ASP B 166 -49.02 -7.47 8.93
CA ASP B 166 -48.08 -8.45 8.34
C ASP B 166 -48.30 -8.53 6.83
N GLY B 167 -47.23 -8.48 6.04
CA GLY B 167 -47.36 -8.66 4.58
C GLY B 167 -47.49 -7.35 3.83
N GLU B 168 -47.56 -6.24 4.56
CA GLU B 168 -47.75 -4.91 3.93
C GLU B 168 -46.53 -4.06 4.23
N ARG B 169 -45.38 -4.69 4.41
CA ARG B 169 -44.15 -3.94 4.77
C ARG B 169 -42.97 -4.89 4.79
N ALA B 170 -41.93 -4.59 4.01
CA ALA B 170 -40.70 -5.40 4.00
C ALA B 170 -39.55 -4.45 3.66
N ILE B 171 -38.41 -4.62 4.32
CA ILE B 171 -37.25 -3.74 4.03
C ILE B 171 -36.04 -4.64 3.76
N GLY B 172 -35.25 -4.30 2.74
CA GLY B 172 -34.05 -5.08 2.45
C GLY B 172 -32.86 -4.15 2.24
N TYR B 173 -31.85 -4.25 3.09
CA TYR B 173 -30.65 -3.37 3.00
C TYR B 173 -29.44 -4.23 2.69
N LYS B 174 -28.66 -3.80 1.71
CA LYS B 174 -27.43 -4.53 1.36
C LYS B 174 -26.28 -3.53 1.46
N GLN B 175 -25.09 -3.99 1.84
CA GLN B 175 -23.90 -3.10 1.90
C GLN B 175 -22.74 -3.82 1.20
N HIS B 176 -21.95 -3.09 0.43
CA HIS B 176 -20.78 -3.67 -0.25
C HIS B 176 -19.64 -2.69 -0.07
N PHE B 177 -18.51 -3.20 0.40
CA PHE B 177 -17.33 -2.33 0.62
C PHE B 177 -16.14 -2.98 -0.04
N LYS B 178 -15.53 -2.28 -0.99
CA LYS B 178 -14.32 -2.79 -1.66
C LYS B 178 -13.17 -1.90 -1.20
N MET B 179 -12.24 -2.45 -0.41
CA MET B 179 -11.22 -1.62 0.27
C MET B 179 -9.77 -2.01 -0.08
N PRO B 180 -8.96 -1.24 -0.86
CA PRO B 180 -7.56 -1.56 -1.03
C PRO B 180 -6.92 -0.97 0.24
N TYR B 181 -6.12 -1.73 0.96
CA TYR B 181 -5.63 -1.20 2.27
C TYR B 181 -4.13 -1.35 2.44
N ILE B 182 -3.60 -0.66 3.45
CA ILE B 182 -2.16 -0.78 3.81
C ILE B 182 -2.13 -1.07 5.30
N GLY B 183 -1.10 -1.73 5.81
CA GLY B 183 -1.14 -2.09 7.25
C GLY B 183 0.16 -2.56 7.86
N LEU B 184 0.08 -3.06 9.10
CA LEU B 184 1.28 -3.55 9.83
C LEU B 184 0.88 -4.80 10.62
N THR B 185 1.54 -5.94 10.37
CA THR B 185 1.26 -7.20 11.10
C THR B 185 2.43 -7.51 12.01
N GLY B 186 2.15 -7.95 13.25
CA GLY B 186 3.23 -8.21 14.20
C GLY B 186 2.98 -9.43 15.07
N ASN B 187 3.98 -10.30 15.24
CA ASN B 187 3.85 -11.45 16.16
C ASN B 187 5.04 -11.43 17.12
N TYR B 188 4.82 -11.83 18.36
CA TYR B 188 5.93 -11.91 19.36
C TYR B 188 5.77 -13.24 20.09
N ARG B 189 6.86 -13.99 20.23
CA ARG B 189 6.76 -15.34 20.85
C ARG B 189 7.32 -15.32 22.27
N TYR B 190 6.60 -15.95 23.20
CA TYR B 190 7.08 -16.05 24.60
C TYR B 190 6.88 -17.49 25.02
N ASP B 191 7.98 -18.23 25.20
CA ASP B 191 7.90 -19.67 25.54
C ASP B 191 7.18 -20.39 24.42
N SER B 192 6.02 -20.98 24.72
CA SER B 192 5.27 -21.75 23.70
C SER B 192 4.03 -20.96 23.31
N PHE B 193 3.80 -19.82 23.96
CA PHE B 193 2.64 -18.96 23.62
C PHE B 193 3.06 -17.93 22.57
N GLU B 194 2.09 -17.35 21.87
CA GLU B 194 2.42 -16.40 20.79
C GLU B 194 1.32 -15.34 20.73
N PHE B 195 1.50 -14.24 21.45
CA PHE B 195 0.51 -13.14 21.34
C PHE B 195 0.96 -12.23 20.21
N GLY B 196 0.05 -11.46 19.62
CA GLY B 196 0.40 -10.53 18.53
C GLY B 196 -0.75 -9.59 18.21
N GLY B 197 -0.62 -8.82 17.14
CA GLY B 197 -1.66 -7.84 16.76
C GLY B 197 -1.44 -7.24 15.39
N SER B 198 -2.48 -6.66 14.79
CA SER B 198 -2.38 -6.09 13.43
C SER B 198 -3.25 -4.84 13.32
N PHE B 199 -2.98 -3.99 12.32
CA PHE B 199 -3.78 -2.77 12.07
C PHE B 199 -3.88 -2.60 10.55
N LYS B 200 -5.05 -2.23 10.05
CA LYS B 200 -5.23 -2.08 8.58
C LYS B 200 -5.90 -0.74 8.29
N TYR B 201 -5.45 -0.05 7.23
CA TYR B 201 -6.01 1.29 6.93
C TYR B 201 -6.23 1.50 5.44
N SER B 202 -7.37 2.09 5.08
CA SER B 202 -7.62 2.48 3.67
C SER B 202 -8.34 3.81 3.70
N GLY B 203 -7.96 4.73 2.82
CA GLY B 203 -8.70 5.99 2.70
C GLY B 203 -9.28 5.98 1.32
N TRP B 204 -9.34 4.80 0.72
CA TRP B 204 -9.81 4.66 -0.68
C TRP B 204 -10.91 3.60 -0.73
N VAL B 205 -11.86 3.66 0.20
CA VAL B 205 -12.92 2.61 0.25
C VAL B 205 -14.05 2.94 -0.70
N LYS B 206 -14.45 1.97 -1.52
CA LYS B 206 -15.61 2.16 -2.44
C LYS B 206 -16.84 1.56 -1.76
N ALA B 207 -17.80 2.39 -1.38
CA ALA B 207 -18.95 1.91 -0.61
C ALA B 207 -20.23 1.90 -1.44
N SER B 208 -21.10 0.90 -1.23
CA SER B 208 -22.37 0.80 -1.96
C SER B 208 -23.46 0.37 -0.98
N ASP B 209 -24.68 1.21 -0.98
CA ASP B 209 -25.76 0.60 -0.18
C ASP B 209 -26.96 0.38 -1.09
N ASN B 210 -28.01 -0.27 -0.61
CA ASN B 210 -29.22 -0.51 -1.42
C ASN B 210 -30.38 -0.78 -0.48
N ASP B 211 -31.20 0.22 -0.23
CA ASP B 211 -32.43 -0.06 0.56
C ASP B 211 -33.51 -0.38 -0.45
N GLU B 212 -34.31 -1.39 -0.15
CA GLU B 212 -35.46 -1.71 -1.02
C GLU B 212 -36.66 -1.84 -0.09
N HIS B 213 -37.40 -0.76 0.09
CA HIS B 213 -38.60 -0.78 0.97
C HIS B 213 -39.79 -1.29 0.16
N TYR B 214 -40.26 -2.49 0.47
CA TYR B 214 -41.33 -3.12 -0.33
C TYR B 214 -42.70 -2.98 0.32
N ASN B 215 -43.36 -1.85 0.13
CA ASN B 215 -44.77 -1.74 0.56
C ASN B 215 -45.56 -2.26 -0.64
N PRO B 216 -46.74 -2.88 -0.50
CA PRO B 216 -47.49 -3.30 -1.66
C PRO B 216 -47.96 -2.07 -2.43
N GLU B 217 -47.44 -1.85 -3.64
CA GLU B 217 -47.81 -0.68 -4.47
C GLU B 217 -47.28 -0.93 -5.88
N ARG B 219 -42.59 -0.52 -4.39
CA ARG B 219 -41.23 -0.60 -3.80
C ARG B 219 -40.44 0.69 -4.05
N ILE B 220 -39.74 1.20 -3.03
CA ILE B 220 -38.85 2.37 -3.22
C ILE B 220 -37.41 1.91 -3.05
N THR B 221 -36.57 2.08 -4.07
CA THR B 221 -35.15 1.68 -3.99
C THR B 221 -34.30 2.90 -3.70
N TYR B 222 -33.62 2.94 -2.55
CA TYR B 222 -32.71 4.06 -2.22
C TYR B 222 -31.29 3.50 -2.13
N ARG B 223 -30.45 3.90 -3.07
CA ARG B 223 -29.08 3.37 -3.10
C ARG B 223 -28.12 4.51 -2.81
N SER B 224 -26.85 4.18 -2.60
CA SER B 224 -25.81 5.21 -2.40
C SER B 224 -24.48 4.62 -2.84
N ASP B 225 -23.64 5.41 -3.49
CA ASP B 225 -22.32 4.94 -3.93
C ASP B 225 -21.31 6.05 -3.61
N VAL B 226 -20.52 5.88 -2.55
CA VAL B 226 -19.50 6.89 -2.16
C VAL B 226 -18.11 6.30 -2.41
N ASN B 227 -17.21 7.11 -2.95
CA ASN B 227 -15.85 6.63 -3.28
C ASN B 227 -14.84 7.25 -2.32
N ASN B 228 -13.63 6.69 -2.26
CA ASN B 228 -12.56 7.19 -1.36
C ASN B 228 -13.11 7.39 0.05
N GLN B 229 -13.77 6.37 0.60
CA GLN B 229 -14.23 6.42 2.01
C GLN B 229 -13.10 5.86 2.86
N ASN B 230 -13.32 5.65 4.16
CA ASN B 230 -12.17 5.22 5.01
C ASN B 230 -12.42 3.89 5.71
N TYR B 231 -11.36 3.17 6.08
CA TYR B 231 -11.46 1.86 6.77
C TYR B 231 -10.44 1.78 7.89
N TYR B 232 -10.86 1.31 9.06
CA TYR B 232 -9.95 1.15 10.21
C TYR B 232 -10.20 -0.22 10.84
N SER B 233 -9.19 -1.09 10.84
CA SER B 233 -9.32 -2.42 11.49
C SER B 233 -8.14 -2.64 12.44
N VAL B 234 -8.41 -3.24 13.59
CA VAL B 234 -7.32 -3.58 14.55
C VAL B 234 -7.53 -5.01 14.99
N SER B 235 -6.49 -5.83 14.89
CA SER B 235 -6.59 -7.26 15.28
C SER B 235 -5.66 -7.50 16.47
N LEU B 236 -6.00 -8.46 17.32
CA LEU B 236 -5.17 -8.81 18.49
C LEU B 236 -5.32 -10.32 18.66
N HIS B 237 -4.21 -11.06 18.67
CA HIS B 237 -4.34 -12.54 18.71
C HIS B 237 -3.42 -13.17 19.77
N ALA B 238 -3.68 -14.42 20.10
CA ALA B 238 -2.83 -15.17 21.06
C ALA B 238 -2.86 -16.61 20.58
N GLY B 239 -1.73 -17.32 20.65
CA GLY B 239 -1.73 -18.68 20.09
C GLY B 239 -0.89 -19.66 20.87
N TYR B 240 -0.97 -20.94 20.51
CA TYR B 240 -0.18 -21.98 21.22
C TYR B 240 0.07 -23.15 20.27
N TYR B 241 1.34 -23.50 20.09
CA TYR B 241 1.69 -24.63 19.22
C TYR B 241 1.50 -25.93 19.99
N ILE B 242 0.31 -26.52 19.91
CA ILE B 242 0.09 -27.84 20.57
C ILE B 242 1.17 -28.78 20.07
N THR B 243 1.32 -28.90 18.76
CA THR B 243 2.40 -29.71 18.15
C THR B 243 3.28 -28.73 17.39
N PRO B 244 4.46 -29.09 16.87
CA PRO B 244 5.22 -28.15 16.03
C PRO B 244 4.45 -27.78 14.76
N ALA B 245 3.63 -28.68 14.22
CA ALA B 245 2.97 -28.41 12.92
C ALA B 245 1.53 -27.91 13.07
N ALA B 246 1.11 -27.51 14.27
CA ALA B 246 -0.29 -27.10 14.48
C ALA B 246 -0.37 -26.07 15.59
N LYS B 247 -1.12 -24.97 15.37
CA LYS B 247 -1.22 -23.89 16.38
C LYS B 247 -2.69 -23.54 16.57
N VAL B 248 -3.14 -23.51 17.83
CA VAL B 248 -4.54 -23.11 18.11
C VAL B 248 -4.53 -21.65 18.53
N TYR B 249 -5.36 -20.82 17.90
CA TYR B 249 -5.28 -19.38 18.20
C TYR B 249 -6.66 -18.77 18.43
N VAL B 250 -6.70 -17.71 19.24
CA VAL B 250 -7.96 -16.96 19.48
C VAL B 250 -7.68 -15.53 19.03
N GLU B 251 -8.60 -14.92 18.31
CA GLU B 251 -8.32 -13.58 17.76
C GLU B 251 -9.53 -12.68 17.91
N GLY B 252 -9.29 -11.39 18.12
CA GLY B 252 -10.40 -10.42 18.16
C GLY B 252 -10.11 -9.36 17.12
N THR B 253 -11.06 -9.07 16.25
CA THR B 253 -10.86 -8.00 15.24
C THR B 253 -11.96 -6.95 15.38
N TRP B 254 -11.58 -5.68 15.39
CA TRP B 254 -12.57 -4.58 15.47
C TRP B 254 -12.49 -3.81 14.15
N ASN B 255 -13.60 -3.69 13.43
CA ASN B 255 -13.56 -3.04 12.09
C ASN B 255 -14.48 -1.82 12.08
N ARG B 256 -14.13 -0.79 11.30
CA ARG B 256 -14.94 0.44 11.20
C ARG B 256 -14.81 1.05 9.81
N ILE B 257 -15.93 1.24 9.13
CA ILE B 257 -15.91 1.92 7.81
C ILE B 257 -16.76 3.17 7.97
N THR B 258 -16.24 4.33 7.61
CA THR B 258 -16.99 5.58 7.87
C THR B 258 -16.65 6.68 6.87
N LYS B 259 -17.38 7.80 6.95
CA LYS B 259 -17.15 8.98 6.07
C LYS B 259 -16.78 8.54 4.65
N ALA B 281 -20.67 11.45 6.17
CA ALA B 281 -20.69 10.19 6.95
C ALA B 281 -21.21 9.06 6.07
N GLY B 282 -22.48 9.16 5.65
CA GLY B 282 -23.04 8.18 4.69
C GLY B 282 -22.94 6.72 5.09
N ILE B 283 -22.45 5.87 4.17
CA ILE B 283 -22.43 4.41 4.42
C ILE B 283 -21.47 4.06 5.55
N GLU B 284 -21.99 3.54 6.65
CA GLU B 284 -21.14 3.22 7.81
C GLU B 284 -21.36 1.78 8.25
N SER B 285 -20.29 1.11 8.67
CA SER B 285 -20.40 -0.27 9.20
C SER B 285 -19.36 -0.44 10.31
N TYR B 286 -19.75 -1.05 11.42
CA TYR B 286 -18.78 -1.36 12.49
C TYR B 286 -18.85 -2.86 12.72
N ASN B 287 -17.75 -3.49 13.09
CA ASN B 287 -17.74 -4.97 13.22
C ASN B 287 -16.86 -5.41 14.39
N PHE B 288 -17.23 -6.49 15.06
CA PHE B 288 -16.36 -7.09 16.10
C PHE B 288 -16.42 -8.60 15.93
N MET B 289 -15.30 -9.21 15.59
CA MET B 289 -15.28 -10.66 15.33
C MET B 289 -14.45 -11.33 16.41
N THR B 290 -14.97 -12.41 16.99
CA THR B 290 -14.18 -13.17 18.00
C THR B 290 -14.01 -14.57 17.45
N THR B 291 -12.87 -14.85 16.83
CA THR B 291 -12.68 -16.16 16.17
C THR B 291 -11.72 -17.03 16.99
N ALA B 292 -11.75 -18.32 16.71
CA ALA B 292 -10.82 -19.25 17.37
C ALA B 292 -10.58 -20.39 16.38
N GLY B 293 -9.33 -20.76 16.13
CA GLY B 293 -9.11 -21.80 15.12
C GLY B 293 -7.77 -22.48 15.20
N LEU B 294 -7.59 -23.52 14.38
CA LEU B 294 -6.32 -24.27 14.35
C LEU B 294 -5.67 -24.15 12.98
N LYS B 295 -4.44 -23.65 12.94
CA LYS B 295 -3.71 -23.59 11.67
C LYS B 295 -2.85 -24.83 11.58
N TYR B 296 -2.90 -25.54 10.46
CA TYR B 296 -1.99 -26.69 10.27
C TYR B 296 -0.87 -26.22 9.36
N TYR B 297 0.34 -26.10 9.91
CA TYR B 297 1.50 -25.76 9.05
C TYR B 297 1.83 -27.02 8.26
N PHE B 298 1.47 -27.03 6.97
CA PHE B 298 1.71 -28.20 6.11
C PHE B 298 3.21 -28.43 5.99
#